data_2G9H
#
_entry.id   2G9H
#
_cell.length_a   150.395
_cell.length_b   99.933
_cell.length_c   72.917
_cell.angle_alpha   90.00
_cell.angle_beta   92.00
_cell.angle_gamma   90.00
#
_symmetry.space_group_name_H-M   'C 1 2 1'
#
loop_
_entity.id
_entity.type
_entity.pdbx_description
1 polymer 'HLA class II histocompatibility antigen, DR alpha chain'
2 polymer 'HLA class II histocompatibility antigen, DRB1-1 beta chain'
3 polymer Hemagglutinin
4 polymer 'extracellular enterotoxin type I'
5 non-polymer 'SULFATE ION'
6 non-polymer '4-(2-HYDROXYETHYL)-1-PIPERAZINE ETHANESULFONIC ACID'
7 non-polymer '1,4-DIETHYLENE DIOXIDE'
8 non-polymer 'ZINC ION'
9 water water
#
loop_
_entity_poly.entity_id
_entity_poly.type
_entity_poly.pdbx_seq_one_letter_code
_entity_poly.pdbx_strand_id
1 'polypeptide(L)'
;IKEEHVIIQAEFYLNPDQSGEFMFDFDGDEIFHVDMAKKETVWRLEEFGRFASFEAQGALANIAVDKANLEIMTKRSNYT
PITNVPPEVTVLTNSPVELREPNVLICFIDKFTPPVVNVTWLRNGKPVTTGVSETVFLPREDHLFRKFHYLPFLPSTEDV
YDCRVEHWGLDEPLLKHWEFDA
;
A
2 'polypeptide(L)'
;GDTRPRFLWQLKFECHFFNGTERVRLLERCIYNQEESVRFDSDVGEYRAVTELGRPDAEYWNSQKDLLEQRRAAVDTYCR
HNYGVGESFTVQRRVEPKVTVYPSKTQPLQHHNLLVCSVSGFYPGSIEVRWFRNGQEEKAGVVSTGLIQNGDWTFQTLVM
LETVPRSGEVYTCQVEHPSVTSPLTVEWRA
;
B
3 'polypeptide(L)' PKYVKQNTLKLAT C
4 'polypeptide(L)'
;QGDIGVGNLRNFYTKHDYIDLKGLIDKNLPSANQLEFSTGINDLISESNNWDEISKFKGKKLDIFGIDYNGPCKSKYMYG
GATLSGQYLNSARKIPINLWVNGKHKTISTDKISTNKKLVTAQEIDVKLRRYLQEEYNIYGHNSTGKGKEYGYKSKFYSG
FNKGKVLFHLNDEKSFSYDLFYTGDGVPVSFLKIYEDNKIIESEKFHLDVEISYVDSN
;
D
#
loop_
_chem_comp.id
_chem_comp.type
_chem_comp.name
_chem_comp.formula
DIO non-polymer '1,4-DIETHYLENE DIOXIDE' 'C4 H8 O2'
EPE non-polymer '4-(2-HYDROXYETHYL)-1-PIPERAZINE ETHANESULFONIC ACID' 'C8 H18 N2 O4 S'
SO4 non-polymer 'SULFATE ION' 'O4 S -2'
ZN non-polymer 'ZINC ION' 'Zn 2'
#
# COMPACT_ATOMS: atom_id res chain seq x y z
N GLU A 4 13.08 -5.15 -0.65
CA GLU A 4 12.97 -3.69 -1.00
C GLU A 4 11.87 -2.89 -0.28
N HIS A 5 10.61 -3.36 -0.27
CA HIS A 5 9.57 -2.71 0.56
C HIS A 5 8.67 -3.76 1.20
N VAL A 6 8.06 -3.41 2.33
CA VAL A 6 7.07 -4.29 2.97
C VAL A 6 5.90 -3.45 3.50
N ILE A 7 4.68 -3.83 3.13
CA ILE A 7 3.47 -3.20 3.66
C ILE A 7 2.76 -4.25 4.48
N ILE A 8 2.44 -3.92 5.72
CA ILE A 8 1.74 -4.84 6.61
C ILE A 8 0.46 -4.23 7.12
N GLN A 9 -0.65 -4.93 6.93
CA GLN A 9 -1.89 -4.64 7.62
C GLN A 9 -1.91 -5.49 8.88
N ALA A 10 -1.84 -4.84 10.04
CA ALA A 10 -1.72 -5.54 11.32
C ALA A 10 -2.87 -5.17 12.23
N GLU A 11 -3.58 -6.18 12.73
CA GLU A 11 -4.68 -5.99 13.68
C GLU A 11 -4.45 -6.90 14.87
N PHE A 12 -5.07 -6.56 15.99
CA PHE A 12 -5.08 -7.47 17.10
C PHE A 12 -6.37 -7.31 17.89
N TYR A 13 -6.77 -8.36 18.60
CA TYR A 13 -7.78 -8.23 19.67
C TYR A 13 -7.25 -8.77 21.00
N LEU A 14 -7.56 -8.11 22.11
CA LEU A 14 -7.06 -8.54 23.41
C LEU A 14 -8.15 -8.67 24.44
N ASN A 15 -8.23 -9.86 25.07
CA ASN A 15 -9.13 -10.12 26.20
C ASN A 15 -8.33 -10.31 27.49
N PRO A 16 -8.90 -9.97 28.66
CA PRO A 16 -10.26 -9.43 28.90
C PRO A 16 -10.41 -7.92 28.73
N ASP A 17 -9.37 -7.28 28.21
CA ASP A 17 -9.36 -5.82 28.01
C ASP A 17 -10.35 -5.37 26.95
N GLN A 18 -10.64 -6.26 26.01
CA GLN A 18 -11.63 -6.02 24.96
C GLN A 18 -11.22 -4.81 24.17
N SER A 19 -9.99 -4.85 23.72
CA SER A 19 -9.45 -3.76 22.97
C SER A 19 -8.81 -4.33 21.72
N GLY A 20 -9.03 -3.64 20.60
CA GLY A 20 -8.45 -4.02 19.32
C GLY A 20 -7.96 -2.81 18.58
N GLU A 21 -7.09 -3.04 17.60
CA GLU A 21 -6.51 -1.98 16.81
C GLU A 21 -6.33 -2.49 15.38
N PHE A 22 -6.34 -1.57 14.42
CA PHE A 22 -6.23 -1.89 13.00
C PHE A 22 -5.29 -0.84 12.41
N MET A 23 -4.14 -1.25 11.87
CA MET A 23 -3.24 -0.28 11.26
C MET A 23 -2.54 -0.81 10.00
N PHE A 24 -2.00 0.10 9.19
CA PHE A 24 -1.09 -0.23 8.07
C PHE A 24 0.28 0.37 8.36
N ASP A 25 1.32 -0.40 8.06
CA ASP A 25 2.71 -0.10 8.33
C ASP A 25 3.44 -0.14 6.98
N PHE A 26 4.27 0.85 6.68
CA PHE A 26 5.13 0.83 5.51
C PHE A 26 6.59 0.92 5.98
N ASP A 27 7.36 -0.14 5.76
CA ASP A 27 8.78 -0.17 6.13
C ASP A 27 9.05 0.33 7.57
N GLY A 28 8.13 0.04 8.50
CA GLY A 28 8.33 0.34 9.92
C GLY A 28 7.58 1.56 10.40
N ASP A 29 7.01 2.30 9.48
CA ASP A 29 6.30 3.54 9.83
C ASP A 29 4.82 3.35 9.61
N GLU A 30 4.01 3.89 10.49
CA GLU A 30 2.57 3.80 10.38
C GLU A 30 2.03 4.66 9.23
N ILE A 31 1.27 4.07 8.29
CA ILE A 31 0.59 4.86 7.26
C ILE A 31 -0.65 5.44 7.95
N PHE A 32 -1.45 4.56 8.52
CA PHE A 32 -2.71 4.96 9.15
C PHE A 32 -3.21 3.93 10.14
N HIS A 33 -4.10 4.37 11.03
CA HIS A 33 -4.85 3.44 11.90
C HIS A 33 -6.32 3.83 11.86
N VAL A 34 -7.20 2.95 12.32
CA VAL A 34 -8.59 3.33 12.49
C VAL A 34 -8.88 3.58 13.97
N ASP A 35 -9.48 4.74 14.22
CA ASP A 35 -10.06 5.08 15.49
C ASP A 35 -11.34 4.25 15.64
N MET A 36 -11.30 3.24 16.52
CA MET A 36 -12.45 2.36 16.70
C MET A 36 -13.64 3.07 17.38
N ALA A 37 -13.36 4.01 18.29
CA ALA A 37 -14.40 4.82 18.93
C ALA A 37 -15.12 5.75 17.96
N LYS A 38 -14.35 6.53 17.20
CA LYS A 38 -14.92 7.52 16.27
C LYS A 38 -15.31 6.94 14.90
N LYS A 39 -14.95 5.68 14.67
CA LYS A 39 -15.18 4.99 13.38
C LYS A 39 -14.54 5.77 12.22
N GLU A 40 -13.29 6.17 12.40
CA GLU A 40 -12.61 6.92 11.33
C GLU A 40 -11.13 6.64 11.12
N THR A 41 -10.70 6.87 9.87
CA THR A 41 -9.32 6.73 9.44
C THR A 41 -8.48 7.93 9.90
N VAL A 42 -7.38 7.63 10.57
CA VAL A 42 -6.48 8.62 11.11
C VAL A 42 -5.13 8.41 10.45
N TRP A 43 -4.71 9.38 9.63
CA TRP A 43 -3.44 9.30 8.91
C TRP A 43 -2.27 9.67 9.79
N ARG A 44 -1.16 8.97 9.63
CA ARG A 44 0.03 9.25 10.45
C ARG A 44 0.55 10.67 10.22
N LEU A 45 0.67 11.06 8.95
CA LEU A 45 0.88 12.47 8.57
C LEU A 45 -0.36 12.92 7.82
N GLU A 46 -0.93 14.04 8.23
CA GLU A 46 -2.18 14.53 7.66
C GLU A 46 -2.22 14.62 6.15
N GLU A 47 -1.08 14.96 5.55
CA GLU A 47 -0.98 15.07 4.09
C GLU A 47 -1.23 13.75 3.35
N PHE A 48 -1.02 12.62 4.02
CA PHE A 48 -1.36 11.30 3.49
C PHE A 48 -2.84 11.26 3.08
N GLY A 49 -3.68 11.86 3.91
CA GLY A 49 -5.13 11.91 3.72
C GLY A 49 -5.59 12.73 2.53
N ARG A 50 -4.71 13.55 1.99
CA ARG A 50 -5.00 14.31 0.79
C ARG A 50 -4.87 13.49 -0.50
N PHE A 51 -4.20 12.35 -0.43
CA PHE A 51 -3.87 11.57 -1.63
C PHE A 51 -4.48 10.16 -1.64
N ALA A 52 -5.03 9.75 -0.49
CA ALA A 52 -5.56 8.40 -0.34
C ALA A 52 -6.74 8.40 0.63
N SER A 53 -7.53 7.34 0.57
CA SER A 53 -8.61 7.13 1.51
C SER A 53 -8.67 5.69 1.97
N PHE A 54 -9.26 5.47 3.15
CA PHE A 54 -9.62 4.13 3.60
C PHE A 54 -10.98 4.15 4.28
N GLU A 55 -11.86 3.22 3.89
CA GLU A 55 -13.18 3.07 4.49
C GLU A 55 -13.08 2.43 5.89
N ALA A 56 -13.22 3.27 6.91
CA ALA A 56 -13.06 2.86 8.31
C ALA A 56 -13.91 1.66 8.74
N GLN A 57 -15.13 1.56 8.24
CA GLN A 57 -16.05 0.47 8.62
C GLN A 57 -15.47 -0.92 8.36
N GLY A 58 -14.62 -1.05 7.36
CA GLY A 58 -13.93 -2.31 7.06
C GLY A 58 -13.01 -2.79 8.17
N ALA A 59 -12.41 -1.85 8.90
CA ALA A 59 -11.61 -2.16 10.07
C ALA A 59 -12.48 -2.70 11.21
N LEU A 60 -13.63 -2.06 11.42
CA LEU A 60 -14.59 -2.45 12.46
C LEU A 60 -15.16 -3.85 12.21
N ALA A 61 -15.45 -4.15 10.94
CA ALA A 61 -15.93 -5.47 10.55
C ALA A 61 -14.85 -6.54 10.79
N ASN A 62 -13.62 -6.26 10.37
CA ASN A 62 -12.49 -7.15 10.65
C ASN A 62 -12.26 -7.37 12.16
N ILE A 63 -12.39 -6.31 12.95
CA ILE A 63 -12.21 -6.44 14.40
C ILE A 63 -13.24 -7.35 15.06
N ALA A 64 -14.48 -7.30 14.57
CA ALA A 64 -15.55 -8.14 15.08
C ALA A 64 -15.22 -9.62 14.90
N VAL A 65 -14.71 -9.98 13.73
CA VAL A 65 -14.24 -11.33 13.41
C VAL A 65 -13.05 -11.74 14.28
N ASP A 66 -12.16 -10.79 14.58
CA ASP A 66 -10.95 -11.00 15.38
C ASP A 66 -11.34 -11.30 16.81
N LYS A 67 -12.31 -10.55 17.32
CA LYS A 67 -12.83 -10.75 18.67
C LYS A 67 -13.43 -12.15 18.84
N ALA A 68 -14.32 -12.53 17.94
CA ALA A 68 -14.90 -13.86 17.95
C ALA A 68 -13.86 -14.98 17.80
N ASN A 69 -12.84 -14.76 16.96
CA ASN A 69 -11.78 -15.76 16.77
C ASN A 69 -10.86 -15.92 17.99
N LEU A 70 -10.61 -14.82 18.68
CA LEU A 70 -9.83 -14.85 19.93
C LEU A 70 -10.49 -15.78 20.94
N GLU A 71 -11.80 -15.66 21.06
CA GLU A 71 -12.59 -16.51 21.93
C GLU A 71 -12.53 -17.99 21.51
N ILE A 72 -12.58 -18.27 20.21
CA ILE A 72 -12.33 -19.62 19.70
C ILE A 72 -10.96 -20.16 20.12
N MET A 73 -9.90 -19.38 19.94
CA MET A 73 -8.53 -19.81 20.26
C MET A 73 -8.29 -19.93 21.77
N THR A 74 -8.90 -19.05 22.56
CA THR A 74 -8.79 -19.12 24.03
C THR A 74 -9.26 -20.51 24.52
N LYS A 75 -10.32 -21.03 23.89
CA LYS A 75 -10.90 -22.30 24.28
C LYS A 75 -10.13 -23.47 23.71
N ARG A 76 -9.73 -23.34 22.45
CA ARG A 76 -9.01 -24.40 21.76
C ARG A 76 -7.67 -24.70 22.46
N SER A 77 -7.06 -23.66 23.00
CA SER A 77 -5.79 -23.81 23.71
C SER A 77 -5.97 -24.24 25.17
N ASN A 78 -7.20 -24.52 25.57
CA ASN A 78 -7.52 -24.83 26.96
C ASN A 78 -7.13 -23.70 27.90
N TYR A 79 -7.49 -22.48 27.50
CA TYR A 79 -7.29 -21.25 28.29
C TYR A 79 -5.84 -20.94 28.63
N THR A 80 -4.93 -21.22 27.70
CA THR A 80 -3.52 -20.80 27.82
C THR A 80 -3.38 -19.28 27.62
N PRO A 81 -2.87 -18.58 28.64
CA PRO A 81 -2.73 -17.13 28.55
C PRO A 81 -1.38 -16.72 28.00
N ILE A 82 -1.24 -15.44 27.69
CA ILE A 82 0.02 -14.90 27.19
C ILE A 82 1.03 -14.76 28.34
N THR A 83 2.31 -14.96 28.00
CA THR A 83 3.44 -14.61 28.88
C THR A 83 3.77 -13.16 28.61
N ASN A 84 3.61 -12.31 29.62
CA ASN A 84 4.09 -10.92 29.63
C ASN A 84 5.56 -10.81 29.25
N VAL A 85 5.86 -9.93 28.31
CA VAL A 85 7.23 -9.61 27.94
C VAL A 85 7.40 -8.13 28.20
N PRO A 86 8.33 -7.75 29.10
CA PRO A 86 8.50 -6.34 29.51
C PRO A 86 9.08 -5.46 28.41
N PRO A 87 8.71 -4.17 28.38
CA PRO A 87 9.32 -3.24 27.42
C PRO A 87 10.74 -2.76 27.74
N GLU A 88 11.50 -2.51 26.68
CA GLU A 88 12.74 -1.74 26.73
C GLU A 88 12.33 -0.28 26.44
N VAL A 89 12.78 0.67 27.27
CA VAL A 89 12.40 2.08 27.08
C VAL A 89 13.62 2.92 26.73
N THR A 90 13.44 3.87 25.80
CA THR A 90 14.51 4.79 25.37
C THR A 90 13.92 6.18 25.28
N VAL A 91 14.55 7.15 25.96
CA VAL A 91 14.26 8.57 25.71
C VAL A 91 15.37 9.26 24.91
N LEU A 92 14.96 9.97 23.87
CA LEU A 92 15.87 10.67 22.96
C LEU A 92 15.13 11.92 22.42
N THR A 93 15.82 12.76 21.67
CA THR A 93 15.18 13.88 20.94
C THR A 93 15.20 13.59 19.43
N ASN A 94 14.47 14.38 18.63
CA ASN A 94 14.45 14.13 17.17
C ASN A 94 15.55 14.80 16.35
N SER A 95 16.31 15.66 17.02
CA SER A 95 17.31 16.50 16.39
C SER A 95 18.15 17.06 17.53
N PRO A 96 19.37 17.58 17.22
CA PRO A 96 20.20 18.15 18.30
C PRO A 96 19.47 19.22 19.10
N VAL A 97 19.85 19.37 20.37
CA VAL A 97 19.12 20.20 21.31
C VAL A 97 19.83 21.51 21.49
N GLU A 98 19.10 22.59 21.23
CA GLU A 98 19.64 23.93 21.37
C GLU A 98 18.83 24.72 22.37
N LEU A 99 19.52 25.43 23.25
CA LEU A 99 18.88 26.28 24.24
C LEU A 99 17.74 27.12 23.66
N ARG A 100 16.55 26.86 24.18
CA ARG A 100 15.29 27.55 23.81
C ARG A 100 14.92 27.53 22.32
N GLU A 101 15.27 26.45 21.63
CA GLU A 101 14.76 26.16 20.30
C GLU A 101 13.85 24.95 20.40
N PRO A 102 12.56 25.12 20.07
CA PRO A 102 11.59 24.03 20.22
C PRO A 102 12.13 22.71 19.73
N ASN A 103 11.89 21.64 20.49
CA ASN A 103 12.34 20.30 20.11
C ASN A 103 11.25 19.34 20.55
N VAL A 104 11.49 18.05 20.40
CA VAL A 104 10.51 17.03 20.74
C VAL A 104 11.26 15.87 21.39
N LEU A 105 10.79 15.49 22.57
CA LEU A 105 11.27 14.33 23.32
C LEU A 105 10.51 13.13 22.87
N ILE A 106 11.25 12.09 22.53
CA ILE A 106 10.66 10.84 22.10
C ILE A 106 10.87 9.80 23.20
N CYS A 107 9.78 9.16 23.61
CA CYS A 107 9.85 7.99 24.47
C CYS A 107 9.46 6.81 23.63
N PHE A 108 10.45 5.97 23.33
CA PHE A 108 10.28 4.80 22.50
C PHE A 108 10.18 3.55 23.37
N ILE A 109 9.05 2.86 23.24
CA ILE A 109 8.78 1.66 24.03
C ILE A 109 8.80 0.47 23.07
N ASP A 110 9.57 -0.57 23.40
CA ASP A 110 9.91 -1.59 22.42
C ASP A 110 9.92 -3.00 23.01
N LYS A 111 9.68 -4.01 22.17
CA LYS A 111 9.86 -5.41 22.54
C LYS A 111 8.98 -5.90 23.72
N PHE A 112 7.69 -5.54 23.69
CA PHE A 112 6.76 -5.89 24.75
C PHE A 112 5.46 -6.49 24.21
N THR A 113 4.80 -7.27 25.07
CA THR A 113 3.48 -7.83 24.81
C THR A 113 2.95 -8.25 26.18
N PRO A 114 1.62 -8.15 26.41
CA PRO A 114 0.56 -7.66 25.53
C PRO A 114 0.61 -6.14 25.29
N PRO A 115 -0.15 -5.66 24.28
CA PRO A 115 -0.17 -4.26 23.91
C PRO A 115 -1.03 -3.46 24.85
N VAL A 116 -0.57 -3.22 26.09
CA VAL A 116 -1.26 -2.38 27.06
C VAL A 116 -0.18 -1.69 27.86
N VAL A 117 -0.23 -0.36 27.95
CA VAL A 117 0.79 0.43 28.64
C VAL A 117 0.13 1.64 29.22
N ASN A 118 0.68 2.17 30.30
CA ASN A 118 0.32 3.51 30.76
C ASN A 118 1.58 4.37 30.78
N VAL A 119 1.62 5.39 29.92
CA VAL A 119 2.79 6.23 29.76
C VAL A 119 2.50 7.64 30.26
N THR A 120 3.38 8.16 31.12
CA THR A 120 3.28 9.52 31.65
C THR A 120 4.64 10.25 31.47
N TRP A 121 4.57 11.46 30.92
CA TRP A 121 5.70 12.39 30.88
C TRP A 121 5.62 13.22 32.12
N LEU A 122 6.76 13.43 32.77
CA LEU A 122 6.83 14.26 33.95
C LEU A 122 7.91 15.27 33.69
N ARG A 123 7.69 16.53 34.09
CA ARG A 123 8.73 17.53 34.10
C ARG A 123 8.86 18.00 35.54
N ASN A 124 10.05 17.80 36.12
CA ASN A 124 10.35 18.14 37.52
C ASN A 124 9.38 17.49 38.53
N GLY A 125 9.09 16.20 38.32
CA GLY A 125 8.15 15.46 39.16
C GLY A 125 6.68 15.52 38.75
N LYS A 126 6.30 16.58 38.03
CA LYS A 126 4.89 16.88 37.71
C LYS A 126 4.47 16.38 36.33
N PRO A 127 3.25 15.81 36.23
CA PRO A 127 2.76 15.32 34.93
C PRO A 127 2.57 16.43 33.91
N VAL A 128 2.88 16.13 32.65
CA VAL A 128 2.83 17.09 31.58
C VAL A 128 2.01 16.50 30.44
N THR A 129 1.03 17.26 29.97
CA THR A 129 0.15 16.84 28.86
C THR A 129 0.13 17.79 27.65
N THR A 130 0.58 19.05 27.85
CA THR A 130 0.58 20.04 26.77
C THR A 130 1.28 19.49 25.52
N GLY A 131 0.50 19.33 24.45
CA GLY A 131 1.03 18.99 23.14
C GLY A 131 1.47 17.55 22.93
N VAL A 132 1.28 16.70 23.95
CA VAL A 132 1.71 15.31 23.86
C VAL A 132 0.89 14.54 22.82
N SER A 133 1.52 13.54 22.22
CA SER A 133 0.88 12.66 21.27
C SER A 133 1.62 11.32 21.33
N GLU A 134 1.13 10.32 20.59
CA GLU A 134 1.65 8.96 20.66
C GLU A 134 1.22 8.20 19.42
N THR A 135 1.94 7.15 19.04
CA THR A 135 1.50 6.25 17.99
C THR A 135 0.57 5.16 18.55
N VAL A 136 0.03 4.33 17.67
CA VAL A 136 -0.67 3.13 18.09
C VAL A 136 0.40 2.02 18.33
N PHE A 137 -0.02 0.81 18.65
CA PHE A 137 0.91 -0.28 18.87
C PHE A 137 1.35 -0.76 17.49
N LEU A 138 2.66 -0.73 17.26
CA LEU A 138 3.22 -1.00 15.93
C LEU A 138 3.82 -2.39 15.90
N PRO A 139 3.79 -3.05 14.73
CA PRO A 139 4.26 -4.42 14.74
C PRO A 139 5.80 -4.59 14.81
N ARG A 140 6.25 -5.79 15.20
CA ARG A 140 7.64 -6.20 15.09
C ARG A 140 7.61 -7.61 14.50
N GLU A 141 8.70 -8.06 13.88
CA GLU A 141 8.74 -9.37 13.24
C GLU A 141 8.70 -10.56 14.21
N ASP A 142 9.00 -10.29 15.49
CA ASP A 142 8.95 -11.30 16.56
C ASP A 142 7.59 -11.25 17.30
N HIS A 143 6.70 -10.39 16.78
CA HIS A 143 5.30 -10.27 17.17
C HIS A 143 5.08 -9.54 18.49
N LEU A 144 6.15 -8.98 19.03
CA LEU A 144 6.07 -8.01 20.10
C LEU A 144 5.69 -6.66 19.48
N PHE A 145 5.62 -5.61 20.30
CA PHE A 145 5.08 -4.33 19.86
C PHE A 145 6.10 -3.21 20.06
N ARG A 146 5.94 -2.12 19.30
CA ARG A 146 6.67 -0.85 19.49
C ARG A 146 5.63 0.24 19.73
N LYS A 147 6.03 1.33 20.39
CA LYS A 147 5.15 2.50 20.50
C LYS A 147 6.00 3.71 20.77
N PHE A 148 5.63 4.85 20.20
CA PHE A 148 6.33 6.10 20.42
C PHE A 148 5.38 7.09 21.09
N HIS A 149 5.89 7.81 22.09
CA HIS A 149 5.23 8.95 22.73
C HIS A 149 6.09 10.20 22.53
N TYR A 150 5.44 11.36 22.42
CA TYR A 150 6.13 12.59 22.04
C TYR A 150 5.74 13.70 22.98
N LEU A 151 6.72 14.49 23.38
CA LEU A 151 6.49 15.70 24.14
C LEU A 151 7.31 16.84 23.51
N PRO A 152 6.61 17.78 22.84
CA PRO A 152 7.25 19.03 22.42
C PRO A 152 7.72 19.77 23.65
N PHE A 153 8.93 20.31 23.61
CA PHE A 153 9.43 21.07 24.75
C PHE A 153 10.39 22.16 24.31
N LEU A 154 10.60 23.12 25.22
CA LEU A 154 11.57 24.19 25.04
C LEU A 154 12.76 23.88 25.94
N PRO A 155 13.92 23.53 25.32
CA PRO A 155 15.14 23.17 26.05
C PRO A 155 15.59 24.23 27.03
N SER A 156 15.86 23.80 28.26
CA SER A 156 16.41 24.67 29.29
C SER A 156 17.33 23.85 30.17
N THR A 157 18.24 24.52 30.88
CA THR A 157 19.20 23.81 31.72
C THR A 157 18.60 23.32 33.03
N GLU A 158 17.50 23.94 33.45
CA GLU A 158 16.91 23.69 34.77
C GLU A 158 15.86 22.57 34.85
N ASP A 159 15.38 22.06 33.70
CA ASP A 159 14.30 21.07 33.71
C ASP A 159 14.82 19.64 33.68
N VAL A 160 14.11 18.77 34.39
CA VAL A 160 14.38 17.32 34.36
C VAL A 160 13.10 16.55 33.98
N TYR A 161 13.17 15.76 32.93
CA TYR A 161 12.02 14.98 32.45
C TYR A 161 12.15 13.49 32.77
N ASP A 162 11.01 12.82 32.88
CA ASP A 162 10.95 11.37 33.01
C ASP A 162 9.89 10.90 32.07
N CYS A 163 10.16 9.78 31.41
CA CYS A 163 9.11 8.99 30.79
C CYS A 163 8.83 7.78 31.68
N ARG A 164 7.65 7.77 32.30
CA ARG A 164 7.24 6.71 33.20
C ARG A 164 6.38 5.72 32.45
N VAL A 165 6.81 4.47 32.42
CA VAL A 165 6.16 3.44 31.63
C VAL A 165 5.70 2.33 32.58
N GLU A 166 4.43 1.97 32.45
CA GLU A 166 3.84 0.88 33.21
C GLU A 166 3.42 -0.22 32.27
N HIS A 167 3.85 -1.44 32.55
CA HIS A 167 3.46 -2.60 31.77
C HIS A 167 3.50 -3.78 32.73
N TRP A 168 2.58 -4.74 32.57
CA TRP A 168 2.55 -5.93 33.42
C TRP A 168 3.85 -6.72 33.49
N GLY A 169 4.68 -6.68 32.44
CA GLY A 169 5.93 -7.44 32.42
C GLY A 169 7.00 -6.88 33.34
N LEU A 170 6.75 -5.68 33.86
CA LEU A 170 7.73 -4.94 34.64
C LEU A 170 7.48 -5.10 36.15
N ASP A 171 8.57 -5.21 36.91
CA ASP A 171 8.54 -5.38 38.37
C ASP A 171 8.11 -4.13 39.11
N GLU A 172 8.33 -2.97 38.48
CA GLU A 172 7.84 -1.69 38.98
C GLU A 172 7.76 -0.75 37.78
N PRO A 173 7.00 0.36 37.90
CA PRO A 173 7.00 1.28 36.77
C PRO A 173 8.44 1.70 36.40
N LEU A 174 8.72 1.75 35.11
CA LEU A 174 10.02 2.14 34.60
C LEU A 174 10.07 3.67 34.43
N LEU A 175 10.94 4.34 35.20
CA LEU A 175 11.17 5.76 35.02
C LEU A 175 12.47 6.04 34.30
N LYS A 176 12.33 6.65 33.13
CA LYS A 176 13.45 6.93 32.23
C LYS A 176 13.73 8.45 32.15
N HIS A 177 14.85 8.87 32.73
CA HIS A 177 15.27 10.28 32.92
C HIS A 177 15.85 10.89 31.65
N TRP A 178 15.61 12.19 31.45
CA TRP A 178 16.26 12.97 30.41
C TRP A 178 16.41 14.41 30.88
N GLU A 179 17.62 14.96 30.74
CA GLU A 179 17.85 16.40 30.89
C GLU A 179 18.83 16.93 29.83
N PHE A 180 18.76 18.22 29.59
CA PHE A 180 19.67 18.87 28.67
C PHE A 180 20.88 19.32 29.49
N ASP A 181 22.00 18.61 29.35
CA ASP A 181 23.27 19.08 29.92
C ASP A 181 24.38 19.14 28.87
N GLY B 1 -5.77 -5.02 42.31
CA GLY B 1 -5.40 -4.76 40.89
C GLY B 1 -5.99 -5.81 39.96
N ASP B 2 -5.86 -5.56 38.67
CA ASP B 2 -6.29 -6.45 37.62
C ASP B 2 -5.10 -7.30 37.17
N THR B 3 -4.99 -8.50 37.70
CA THR B 3 -3.96 -9.45 37.32
C THR B 3 -4.53 -10.66 36.60
N ARG B 4 -5.64 -10.44 35.91
CA ARG B 4 -6.30 -11.48 35.14
C ARG B 4 -5.44 -11.84 33.95
N PRO B 5 -5.32 -13.15 33.66
CA PRO B 5 -4.65 -13.60 32.44
C PRO B 5 -5.22 -12.95 31.19
N ARG B 6 -4.34 -12.77 30.19
CA ARG B 6 -4.68 -12.09 28.96
C ARG B 6 -4.54 -13.07 27.84
N PHE B 7 -5.35 -12.89 26.80
CA PHE B 7 -5.34 -13.74 25.62
C PHE B 7 -5.32 -12.80 24.45
N LEU B 8 -4.39 -13.02 23.53
CA LEU B 8 -4.14 -12.06 22.45
C LEU B 8 -4.17 -12.78 21.12
N TRP B 9 -4.84 -12.15 20.17
CA TRP B 9 -4.92 -12.64 18.79
C TRP B 9 -4.40 -11.54 17.89
N GLN B 10 -3.36 -11.85 17.12
CA GLN B 10 -2.77 -10.90 16.15
C GLN B 10 -2.92 -11.40 14.72
N LEU B 11 -3.22 -10.48 13.81
CA LEU B 11 -3.30 -10.77 12.37
C LEU B 11 -2.36 -9.84 11.67
N LYS B 12 -1.66 -10.38 10.68
CA LYS B 12 -0.71 -9.64 9.83
C LYS B 12 -0.93 -10.10 8.40
N PHE B 13 -1.18 -9.15 7.51
CA PHE B 13 -1.21 -9.44 6.08
C PHE B 13 -0.04 -8.65 5.56
N GLU B 14 0.97 -9.36 5.08
CA GLU B 14 2.22 -8.72 4.71
C GLU B 14 2.42 -8.82 3.23
N CYS B 15 2.72 -7.67 2.60
CA CYS B 15 3.07 -7.64 1.19
C CYS B 15 4.55 -7.29 1.07
N HIS B 16 5.33 -8.25 0.59
CA HIS B 16 6.77 -8.10 0.43
C HIS B 16 7.02 -7.81 -1.05
N PHE B 17 7.66 -6.68 -1.35
CA PHE B 17 7.91 -6.23 -2.73
C PHE B 17 9.40 -6.30 -3.06
N PHE B 18 9.73 -6.84 -4.23
CA PHE B 18 11.12 -6.95 -4.69
C PHE B 18 11.18 -6.33 -6.09
N ASN B 19 12.04 -5.30 -6.26
CA ASN B 19 12.16 -4.49 -7.51
C ASN B 19 10.84 -3.78 -7.88
N GLY B 20 10.37 -2.92 -6.99
CA GLY B 20 9.03 -2.35 -7.13
C GLY B 20 7.98 -3.45 -6.99
N THR B 21 6.99 -3.46 -7.88
CA THR B 21 5.94 -4.47 -7.87
C THR B 21 6.28 -5.66 -8.80
N GLU B 22 7.51 -5.71 -9.29
CA GLU B 22 7.93 -6.79 -10.18
C GLU B 22 7.71 -8.17 -9.59
N ARG B 23 8.22 -8.38 -8.38
CA ARG B 23 7.99 -9.61 -7.65
C ARG B 23 7.35 -9.29 -6.30
N VAL B 24 6.23 -9.95 -5.99
CA VAL B 24 5.46 -9.70 -4.77
C VAL B 24 5.16 -11.02 -4.08
N ARG B 25 5.26 -11.00 -2.76
CA ARG B 25 4.87 -12.12 -1.93
C ARG B 25 3.93 -11.63 -0.83
N LEU B 26 2.78 -12.29 -0.73
CA LEU B 26 1.80 -12.03 0.30
C LEU B 26 1.91 -13.14 1.30
N LEU B 27 2.00 -12.74 2.56
CA LEU B 27 2.09 -13.63 3.66
C LEU B 27 0.99 -13.20 4.63
N GLU B 28 -0.05 -14.04 4.77
CA GLU B 28 -1.14 -13.82 5.74
C GLU B 28 -0.91 -14.72 6.96
N ARG B 29 -0.82 -14.11 8.14
CA ARG B 29 -0.41 -14.83 9.36
C ARG B 29 -1.35 -14.65 10.54
N CYS B 30 -1.65 -15.76 11.24
CA CYS B 30 -2.47 -15.76 12.47
C CYS B 30 -1.62 -16.13 13.67
N ILE B 31 -1.71 -15.31 14.72
CA ILE B 31 -0.74 -15.33 15.81
C ILE B 31 -1.52 -15.29 17.12
N TYR B 32 -1.44 -16.38 17.90
CA TYR B 32 -2.13 -16.49 19.15
C TYR B 32 -1.11 -16.44 20.28
N ASN B 33 -1.28 -15.48 21.19
CA ASN B 33 -0.33 -15.30 22.32
C ASN B 33 1.12 -15.24 21.87
N GLN B 34 1.36 -14.50 20.78
CA GLN B 34 2.68 -14.27 20.18
C GLN B 34 3.24 -15.46 19.39
N GLU B 35 2.44 -16.50 19.20
CA GLU B 35 2.88 -17.67 18.47
C GLU B 35 2.02 -17.87 17.24
N GLU B 36 2.66 -17.84 16.08
CA GLU B 36 1.96 -18.01 14.80
C GLU B 36 1.42 -19.43 14.68
N SER B 37 0.13 -19.54 14.40
CA SER B 37 -0.55 -20.85 14.33
C SER B 37 -0.83 -21.31 12.89
N VAL B 38 -1.21 -20.40 12.00
CA VAL B 38 -1.54 -20.75 10.60
C VAL B 38 -1.22 -19.58 9.65
N ARG B 39 -0.83 -19.88 8.41
CA ARG B 39 -0.56 -18.84 7.43
C ARG B 39 -0.94 -19.19 6.00
N PHE B 40 -1.27 -18.18 5.20
CA PHE B 40 -1.27 -18.31 3.74
C PHE B 40 -0.03 -17.60 3.20
N ASP B 41 0.75 -18.29 2.39
CA ASP B 41 1.90 -17.73 1.73
C ASP B 41 1.69 -17.89 0.24
N SER B 42 1.72 -16.79 -0.51
CA SER B 42 1.42 -16.84 -1.96
C SER B 42 2.40 -17.69 -2.77
N ASP B 43 3.62 -17.89 -2.25
CA ASP B 43 4.59 -18.79 -2.89
C ASP B 43 4.28 -20.27 -2.69
N VAL B 44 3.34 -20.57 -1.78
CA VAL B 44 2.87 -21.94 -1.59
C VAL B 44 1.50 -22.11 -2.27
N GLY B 45 0.61 -21.16 -2.06
CA GLY B 45 -0.66 -21.14 -2.78
C GLY B 45 -1.81 -21.75 -2.01
N GLU B 46 -1.57 -22.08 -0.74
CA GLU B 46 -2.62 -22.50 0.18
C GLU B 46 -2.22 -22.27 1.63
N TYR B 47 -3.18 -22.44 2.54
CA TYR B 47 -2.92 -22.32 3.97
C TYR B 47 -2.15 -23.52 4.47
N ARG B 48 -1.31 -23.28 5.48
CA ARG B 48 -0.52 -24.32 6.11
C ARG B 48 -0.47 -24.03 7.59
N ALA B 49 -0.64 -25.06 8.40
CA ALA B 49 -0.58 -24.95 9.84
C ALA B 49 0.86 -24.69 10.20
N VAL B 50 1.09 -23.73 11.11
CA VAL B 50 2.44 -23.47 11.60
C VAL B 50 2.65 -24.22 12.92
N THR B 51 1.58 -24.32 13.71
CA THR B 51 1.54 -25.18 14.90
C THR B 51 0.29 -26.05 14.82
N GLU B 52 0.23 -27.09 15.66
CA GLU B 52 -0.91 -28.00 15.64
C GLU B 52 -2.25 -27.29 15.91
N LEU B 53 -2.21 -26.19 16.68
CA LEU B 53 -3.40 -25.41 16.98
C LEU B 53 -4.09 -24.78 15.75
N GLY B 54 -3.33 -24.52 14.69
CA GLY B 54 -3.86 -23.90 13.47
C GLY B 54 -4.21 -24.91 12.38
N ARG B 55 -3.95 -26.17 12.65
CA ARG B 55 -4.26 -27.24 11.72
C ARG B 55 -5.75 -27.34 11.30
N PRO B 56 -6.71 -27.19 12.27
CA PRO B 56 -8.12 -27.15 11.84
C PRO B 56 -8.46 -26.03 10.84
N ASP B 57 -7.83 -24.87 11.01
CA ASP B 57 -8.04 -23.71 10.14
C ASP B 57 -7.48 -23.86 8.72
N ALA B 58 -6.25 -24.36 8.61
CA ALA B 58 -5.67 -24.67 7.30
C ALA B 58 -6.59 -25.60 6.52
N GLU B 59 -6.99 -26.71 7.15
CA GLU B 59 -7.90 -27.69 6.55
C GLU B 59 -9.27 -27.12 6.12
N TYR B 60 -9.88 -26.33 7.00
CA TYR B 60 -11.13 -25.66 6.71
C TYR B 60 -11.01 -24.67 5.53
N TRP B 61 -10.11 -23.70 5.65
CA TRP B 61 -9.93 -22.66 4.63
C TRP B 61 -9.50 -23.20 3.26
N ASN B 62 -8.65 -24.23 3.26
CA ASN B 62 -8.20 -24.88 2.03
C ASN B 62 -9.31 -25.55 1.23
N SER B 63 -10.45 -25.78 1.87
CA SER B 63 -11.60 -26.38 1.21
C SER B 63 -12.54 -25.32 0.61
N GLN B 64 -12.32 -24.05 0.96
CA GLN B 64 -13.09 -22.93 0.40
C GLN B 64 -12.38 -22.42 -0.86
N LYS B 65 -12.87 -22.83 -2.04
CA LYS B 65 -12.17 -22.54 -3.29
C LYS B 65 -12.25 -21.09 -3.79
N ASP B 66 -13.37 -20.41 -3.48
CA ASP B 66 -13.53 -18.96 -3.74
C ASP B 66 -12.55 -18.13 -2.90
N LEU B 67 -12.33 -18.58 -1.67
CA LEU B 67 -11.42 -17.94 -0.74
C LEU B 67 -9.97 -18.02 -1.21
N LEU B 68 -9.53 -19.21 -1.61
CA LEU B 68 -8.18 -19.42 -2.14
C LEU B 68 -7.95 -18.65 -3.45
N GLU B 69 -9.00 -18.53 -4.27
CA GLU B 69 -8.95 -17.77 -5.52
C GLU B 69 -8.76 -16.28 -5.22
N GLN B 70 -9.46 -15.79 -4.20
CA GLN B 70 -9.33 -14.39 -3.79
C GLN B 70 -7.92 -14.09 -3.29
N ARG B 71 -7.38 -14.99 -2.46
CA ARG B 71 -6.04 -14.84 -1.89
C ARG B 71 -4.93 -14.87 -2.94
N ARG B 72 -5.13 -15.66 -3.99
CA ARG B 72 -4.18 -15.73 -5.11
C ARG B 72 -4.23 -14.49 -6.00
N ALA B 73 -5.40 -13.90 -6.14
CA ALA B 73 -5.56 -12.63 -6.87
C ALA B 73 -5.13 -11.43 -6.03
N ALA B 74 -5.03 -11.61 -4.72
CA ALA B 74 -4.68 -10.54 -3.78
C ALA B 74 -3.27 -9.92 -3.95
N VAL B 75 -2.34 -10.64 -4.57
CA VAL B 75 -1.03 -10.03 -4.89
C VAL B 75 -1.17 -8.86 -5.84
N ASP B 76 -2.23 -8.87 -6.67
CA ASP B 76 -2.54 -7.75 -7.52
C ASP B 76 -3.56 -6.80 -6.87
N THR B 77 -4.74 -7.30 -6.52
CA THR B 77 -5.85 -6.45 -6.08
C THR B 77 -5.63 -5.80 -4.73
N TYR B 78 -4.67 -6.34 -3.95
CA TYR B 78 -4.38 -5.86 -2.60
C TYR B 78 -2.95 -5.36 -2.47
N CYS B 79 -1.97 -6.24 -2.65
CA CYS B 79 -0.55 -5.82 -2.54
C CYS B 79 -0.12 -4.81 -3.59
N ARG B 80 -0.16 -5.19 -4.88
CA ARG B 80 0.20 -4.22 -5.91
C ARG B 80 -0.73 -3.00 -5.89
N HIS B 81 -2.00 -3.20 -5.51
CA HIS B 81 -2.96 -2.09 -5.37
C HIS B 81 -2.55 -1.05 -4.35
N ASN B 82 -2.33 -1.49 -3.11
CA ASN B 82 -1.98 -0.58 -2.02
C ASN B 82 -0.63 0.09 -2.22
N TYR B 83 0.36 -0.67 -2.69
CA TYR B 83 1.63 -0.13 -3.18
C TYR B 83 1.39 1.08 -4.08
N GLY B 84 0.59 0.91 -5.14
CA GLY B 84 0.26 1.99 -6.08
C GLY B 84 -0.46 3.19 -5.47
N VAL B 85 -1.48 2.91 -4.67
CA VAL B 85 -2.24 3.94 -3.95
C VAL B 85 -1.33 4.84 -3.09
N GLY B 86 -0.41 4.23 -2.36
CA GLY B 86 0.46 5.00 -1.48
C GLY B 86 1.78 5.44 -2.07
N GLU B 87 2.05 5.06 -3.32
CA GLU B 87 3.39 5.22 -3.88
C GLU B 87 3.99 6.63 -3.70
N SER B 88 3.23 7.65 -4.08
CA SER B 88 3.73 9.03 -4.11
C SER B 88 4.26 9.52 -2.77
N PHE B 89 3.61 9.13 -1.69
CA PHE B 89 3.95 9.64 -0.36
C PHE B 89 4.70 8.64 0.52
N THR B 90 5.01 7.47 -0.02
CA THR B 90 5.71 6.43 0.74
C THR B 90 6.99 6.03 0.01
N VAL B 91 6.83 5.27 -1.08
CA VAL B 91 7.93 4.79 -1.91
C VAL B 91 8.76 5.96 -2.45
N GLN B 92 8.08 7.01 -2.88
CA GLN B 92 8.74 8.17 -3.49
C GLN B 92 8.89 9.34 -2.53
N ARG B 93 8.61 9.12 -1.25
CA ARG B 93 8.83 10.14 -0.21
C ARG B 93 10.33 10.44 -0.07
N ARG B 94 10.66 11.72 -0.22
CA ARG B 94 12.04 12.22 -0.18
C ARG B 94 12.09 13.43 0.75
N VAL B 95 12.85 13.30 1.84
CA VAL B 95 13.06 14.41 2.74
C VAL B 95 14.55 14.59 2.96
N GLU B 96 15.01 15.82 2.76
CA GLU B 96 16.43 16.14 2.79
C GLU B 96 16.96 16.20 4.24
N PRO B 97 18.11 15.52 4.49
CA PRO B 97 18.79 15.58 5.78
C PRO B 97 19.20 17.00 6.14
N LYS B 98 19.04 17.37 7.40
CA LYS B 98 19.68 18.54 7.93
C LYS B 98 21.02 18.05 8.54
N VAL B 99 22.13 18.61 8.07
CA VAL B 99 23.48 18.19 8.45
C VAL B 99 24.15 19.32 9.27
N THR B 100 24.65 18.97 10.46
CA THR B 100 25.47 19.88 11.28
C THR B 100 26.71 19.13 11.76
N VAL B 101 27.78 19.88 12.01
CA VAL B 101 28.96 19.37 12.67
C VAL B 101 29.16 20.17 13.95
N TYR B 102 29.41 19.48 15.04
CA TYR B 102 29.81 20.15 16.28
C TYR B 102 30.84 19.32 17.06
N PRO B 103 31.82 19.99 17.68
CA PRO B 103 32.67 19.29 18.61
C PRO B 103 31.86 18.91 19.83
N SER B 104 32.15 17.74 20.38
CA SER B 104 31.39 17.22 21.50
C SER B 104 31.50 18.15 22.73
N LYS B 105 30.40 18.23 23.48
CA LYS B 105 30.34 18.96 24.77
C LYS B 105 31.22 18.34 25.85
N THR B 106 31.47 17.03 25.69
CA THR B 106 32.59 16.30 26.35
C THR B 106 33.81 16.17 25.42
N GLN B 107 34.97 16.50 25.99
CA GLN B 107 36.23 16.18 25.38
C GLN B 107 37.05 15.38 26.42
N PRO B 108 36.69 14.09 26.59
CA PRO B 108 37.21 13.33 27.70
C PRO B 108 38.48 12.59 27.30
N LEU B 109 38.97 12.85 26.09
CA LEU B 109 40.07 12.09 25.56
C LEU B 109 41.35 12.92 25.48
N GLN B 110 41.62 13.66 26.55
CA GLN B 110 42.72 14.62 26.61
C GLN B 110 42.68 15.54 25.40
N HIS B 111 43.78 15.58 24.64
CA HIS B 111 43.92 16.44 23.47
C HIS B 111 43.26 15.90 22.18
N HIS B 112 42.73 14.68 22.25
CA HIS B 112 41.92 14.11 21.17
C HIS B 112 40.51 14.69 21.29
N ASN B 113 40.11 15.42 20.26
CA ASN B 113 38.83 16.09 20.18
C ASN B 113 37.82 15.11 19.57
N LEU B 114 36.55 15.22 19.95
CA LEU B 114 35.49 14.45 19.35
C LEU B 114 34.58 15.38 18.52
N LEU B 115 34.46 15.11 17.23
CA LEU B 115 33.60 15.88 16.30
C LEU B 115 32.38 15.08 15.90
N VAL B 116 31.21 15.66 16.07
CA VAL B 116 29.96 14.95 15.77
C VAL B 116 29.35 15.50 14.49
N CYS B 117 28.99 14.61 13.58
CA CYS B 117 28.18 14.98 12.44
C CYS B 117 26.77 14.44 12.65
N SER B 118 25.83 15.36 12.86
CA SER B 118 24.44 15.01 13.04
C SER B 118 23.69 15.14 11.74
N VAL B 119 23.05 14.05 11.31
CA VAL B 119 22.24 14.00 10.10
C VAL B 119 20.80 13.63 10.48
N SER B 120 19.90 14.61 10.44
CA SER B 120 18.57 14.40 10.99
C SER B 120 17.46 14.78 10.00
N GLY B 121 16.27 14.20 10.19
CA GLY B 121 15.06 14.70 9.53
C GLY B 121 14.84 14.14 8.15
N PHE B 122 15.58 13.08 7.81
CA PHE B 122 15.58 12.56 6.45
C PHE B 122 14.72 11.32 6.23
N TYR B 123 14.36 11.12 4.96
CA TYR B 123 13.61 9.97 4.48
C TYR B 123 13.92 9.82 2.98
N PRO B 124 14.17 8.59 2.50
CA PRO B 124 14.21 7.28 3.17
C PRO B 124 15.46 7.06 4.02
N GLY B 125 15.60 5.84 4.53
CA GLY B 125 16.68 5.52 5.46
C GLY B 125 18.05 5.27 4.85
N SER B 126 18.11 5.06 3.54
CA SER B 126 19.40 4.86 2.87
C SER B 126 20.20 6.15 2.85
N ILE B 127 21.38 6.09 3.47
CA ILE B 127 22.23 7.26 3.62
C ILE B 127 23.67 6.79 3.74
N GLU B 128 24.59 7.65 3.31
CA GLU B 128 26.03 7.49 3.56
C GLU B 128 26.60 8.75 4.13
N VAL B 129 27.35 8.61 5.21
CA VAL B 129 27.92 9.73 5.95
C VAL B 129 29.40 9.41 6.10
N ARG B 130 30.24 10.27 5.53
CA ARG B 130 31.70 10.08 5.46
C ARG B 130 32.39 11.29 6.03
N TRP B 131 33.44 11.05 6.79
CA TRP B 131 34.25 12.12 7.35
C TRP B 131 35.51 12.26 6.53
N PHE B 132 35.89 13.50 6.26
CA PHE B 132 37.12 13.79 5.56
C PHE B 132 37.98 14.71 6.41
N ARG B 133 39.28 14.48 6.37
CA ARG B 133 40.26 15.43 6.91
C ARG B 133 41.16 15.86 5.78
N ASN B 134 41.16 17.15 5.47
CA ASN B 134 41.88 17.72 4.31
C ASN B 134 41.56 17.05 2.97
N GLY B 135 40.29 16.73 2.75
CA GLY B 135 39.86 16.10 1.50
C GLY B 135 40.14 14.61 1.39
N GLN B 136 40.69 13.99 2.43
CA GLN B 136 40.98 12.54 2.45
C GLN B 136 40.09 11.86 3.50
N GLU B 137 39.38 10.82 3.09
CA GLU B 137 38.43 10.12 3.97
C GLU B 137 39.09 9.55 5.22
N GLU B 138 38.41 9.72 6.36
CA GLU B 138 38.79 9.13 7.64
C GLU B 138 37.90 7.93 7.93
N LYS B 139 38.48 6.73 7.94
CA LYS B 139 37.75 5.52 8.32
C LYS B 139 38.02 5.15 9.78
N ALA B 140 39.26 5.29 10.21
CA ALA B 140 39.63 4.95 11.60
C ALA B 140 39.23 6.04 12.61
N GLY B 141 38.96 5.60 13.84
CA GLY B 141 38.55 6.51 14.92
C GLY B 141 37.14 7.03 14.75
N VAL B 142 36.29 6.29 14.05
CA VAL B 142 34.92 6.69 13.76
C VAL B 142 33.94 5.79 14.52
N VAL B 143 32.92 6.41 15.08
CA VAL B 143 31.96 5.71 15.90
C VAL B 143 30.59 6.24 15.48
N SER B 144 29.59 5.38 15.48
CA SER B 144 28.31 5.73 14.87
C SER B 144 27.12 5.27 15.69
N THR B 145 25.99 5.87 15.36
CA THR B 145 24.76 5.62 16.07
C THR B 145 24.01 4.53 15.27
N GLY B 146 24.40 4.39 14.01
CA GLY B 146 23.62 3.61 13.05
C GLY B 146 22.34 4.38 12.77
N LEU B 147 21.40 3.76 12.08
CA LEU B 147 20.19 4.44 11.68
C LEU B 147 19.16 4.47 12.81
N ILE B 148 18.60 5.64 13.10
CA ILE B 148 17.58 5.81 14.14
C ILE B 148 16.26 6.21 13.49
N GLN B 149 15.20 5.40 13.69
CA GLN B 149 13.84 5.71 13.24
C GLN B 149 13.06 6.53 14.29
N ASN B 150 12.53 7.68 13.91
CA ASN B 150 11.90 8.55 14.90
C ASN B 150 10.42 8.26 15.10
N GLY B 151 9.87 7.47 14.17
CA GLY B 151 8.48 7.04 14.24
C GLY B 151 7.51 8.00 13.60
N ASP B 152 8.04 9.03 12.93
CA ASP B 152 7.24 10.08 12.31
C ASP B 152 7.59 10.28 10.81
N TRP B 153 8.13 9.23 10.21
CA TRP B 153 8.51 9.19 8.79
C TRP B 153 9.81 9.94 8.50
N THR B 154 10.67 10.03 9.51
CA THR B 154 12.00 10.61 9.39
C THR B 154 13.00 9.75 10.15
N PHE B 155 14.26 9.78 9.70
CA PHE B 155 15.37 9.11 10.36
C PHE B 155 16.38 10.14 10.83
N GLN B 156 17.28 9.72 11.72
CA GLN B 156 18.46 10.49 12.05
C GLN B 156 19.62 9.55 12.26
N THR B 157 20.82 10.08 12.14
CA THR B 157 22.03 9.33 12.43
C THR B 157 23.13 10.30 12.89
N LEU B 158 23.92 9.89 13.88
CA LEU B 158 25.06 10.67 14.35
C LEU B 158 26.37 9.89 14.15
N VAL B 159 27.32 10.53 13.48
CA VAL B 159 28.63 9.95 13.20
C VAL B 159 29.74 10.78 13.86
N MET B 160 30.48 10.16 14.76
CA MET B 160 31.45 10.86 15.60
C MET B 160 32.86 10.47 15.17
N LEU B 161 33.71 11.47 14.97
CA LEU B 161 35.12 11.25 14.65
C LEU B 161 36.00 11.66 15.83
N GLU B 162 36.90 10.78 16.24
CA GLU B 162 37.97 11.24 17.13
C GLU B 162 39.17 11.67 16.31
N THR B 163 39.72 12.80 16.68
CA THR B 163 40.91 13.31 16.02
C THR B 163 41.71 14.18 16.95
N VAL B 164 42.99 14.40 16.63
CA VAL B 164 43.75 15.48 17.25
C VAL B 164 43.72 16.68 16.30
N PRO B 165 42.95 17.72 16.63
CA PRO B 165 42.84 18.86 15.71
C PRO B 165 44.13 19.67 15.64
N ARG B 166 44.74 19.70 14.46
CA ARG B 166 45.91 20.51 14.22
C ARG B 166 45.51 21.71 13.38
N SER B 167 46.18 22.83 13.62
CA SER B 167 45.75 24.06 13.00
C SER B 167 46.00 24.04 11.49
N GLY B 168 45.03 24.60 10.76
CA GLY B 168 45.03 24.53 9.30
C GLY B 168 44.11 23.44 8.76
N GLU B 169 43.80 22.46 9.59
CA GLU B 169 43.03 21.30 9.11
C GLU B 169 41.62 21.67 8.80
N VAL B 170 41.10 21.09 7.71
CA VAL B 170 39.72 21.23 7.29
C VAL B 170 39.08 19.84 7.44
N TYR B 171 38.12 19.71 8.36
CA TYR B 171 37.31 18.50 8.50
C TYR B 171 35.98 18.70 7.80
N THR B 172 35.55 17.70 7.05
CA THR B 172 34.31 17.75 6.27
C THR B 172 33.46 16.48 6.50
N CYS B 173 32.20 16.67 6.90
CA CYS B 173 31.21 15.60 6.90
C CYS B 173 30.45 15.64 5.56
N GLN B 174 30.38 14.51 4.87
CA GLN B 174 29.76 14.43 3.56
C GLN B 174 28.62 13.44 3.56
N VAL B 175 27.43 13.92 3.21
CA VAL B 175 26.21 13.12 3.21
C VAL B 175 25.73 12.88 1.77
N GLU B 176 25.55 11.61 1.42
CA GLU B 176 24.86 11.25 0.19
C GLU B 176 23.55 10.57 0.56
N HIS B 177 22.46 11.03 -0.05
CA HIS B 177 21.10 10.56 0.25
C HIS B 177 20.23 10.75 -1.00
N PRO B 178 19.26 9.84 -1.26
CA PRO B 178 18.37 9.97 -2.44
C PRO B 178 17.65 11.32 -2.67
N SER B 179 17.45 12.12 -1.62
CA SER B 179 16.83 13.44 -1.76
C SER B 179 17.68 14.51 -2.46
N VAL B 180 18.97 14.24 -2.65
CA VAL B 180 19.90 15.22 -3.22
C VAL B 180 20.68 14.65 -4.40
N THR B 181 20.86 15.48 -5.42
CA THR B 181 21.63 15.13 -6.63
C THR B 181 23.12 14.98 -6.31
N SER B 182 23.67 15.96 -5.59
CA SER B 182 25.08 15.92 -5.23
C SER B 182 25.26 16.02 -3.71
N PRO B 183 26.41 15.56 -3.19
CA PRO B 183 26.63 15.42 -1.75
C PRO B 183 26.40 16.71 -0.95
N LEU B 184 25.88 16.53 0.26
CA LEU B 184 25.76 17.64 1.20
C LEU B 184 27.03 17.65 2.02
N THR B 185 27.65 18.82 2.22
CA THR B 185 28.88 18.89 2.99
C THR B 185 28.82 19.99 4.04
N VAL B 186 29.39 19.71 5.21
CA VAL B 186 29.53 20.68 6.27
C VAL B 186 31.01 20.70 6.66
N GLU B 187 31.57 21.89 6.69
CA GLU B 187 32.99 22.05 6.88
C GLU B 187 33.29 22.57 8.29
N TRP B 188 34.32 22.01 8.90
CA TRP B 188 34.73 22.41 10.23
C TRP B 188 36.21 22.71 10.20
N ARG B 189 36.60 23.89 10.66
CA ARG B 189 38.00 24.25 10.58
C ARG B 189 38.74 24.35 11.93
N ALA B 190 39.75 23.49 12.09
CA ALA B 190 40.62 23.48 13.25
C ALA B 190 41.44 24.75 13.43
N PRO C 1 -8.15 7.62 -4.49
CA PRO C 1 -7.45 6.33 -4.46
C PRO C 1 -7.63 5.67 -3.10
N LYS C 2 -8.09 4.43 -3.10
CA LYS C 2 -8.64 3.81 -1.90
C LYS C 2 -7.80 2.66 -1.44
N TYR C 3 -7.42 2.67 -0.16
CA TYR C 3 -6.78 1.50 0.43
C TYR C 3 -7.79 0.36 0.54
N VAL C 4 -7.30 -0.84 0.27
CA VAL C 4 -8.04 -2.10 0.28
C VAL C 4 -7.50 -2.94 1.45
N LYS C 5 -8.38 -3.42 2.34
CA LYS C 5 -7.97 -4.37 3.39
C LYS C 5 -8.25 -5.81 2.96
N GLN C 6 -7.46 -6.76 3.50
CA GLN C 6 -7.81 -8.19 3.39
C GLN C 6 -8.80 -8.50 4.49
N ASN C 7 -9.85 -9.26 4.17
CA ASN C 7 -10.86 -9.71 5.15
C ASN C 7 -10.27 -10.73 6.10
N THR C 8 -10.50 -10.52 7.39
CA THR C 8 -10.19 -11.54 8.36
C THR C 8 -11.29 -12.61 8.27
N LEU C 9 -10.86 -13.85 8.42
CA LEU C 9 -11.70 -15.00 8.19
C LEU C 9 -12.10 -15.61 9.50
N LYS C 10 -13.27 -16.22 9.53
CA LYS C 10 -13.77 -16.95 10.68
C LYS C 10 -12.97 -18.26 10.82
N LEU C 11 -12.49 -18.51 12.03
CA LEU C 11 -11.78 -19.74 12.35
C LEU C 11 -12.69 -21.00 12.28
N ALA C 12 -12.06 -22.15 12.11
CA ALA C 12 -12.75 -23.44 12.13
C ALA C 12 -13.35 -23.69 13.49
N THR C 13 -14.60 -24.16 13.49
CA THR C 13 -15.31 -24.52 14.71
C THR C 13 -15.55 -26.02 14.68
N ILE D 4 -30.27 9.65 -27.31
CA ILE D 4 -29.90 8.48 -28.19
C ILE D 4 -28.63 7.79 -27.73
N GLY D 5 -27.84 8.53 -26.95
CA GLY D 5 -26.57 8.03 -26.42
C GLY D 5 -26.78 6.83 -25.53
N VAL D 6 -27.88 6.86 -24.78
CA VAL D 6 -28.25 5.80 -23.83
C VAL D 6 -28.51 4.46 -24.49
N GLY D 7 -29.34 4.47 -25.53
CA GLY D 7 -29.65 3.26 -26.29
C GLY D 7 -28.45 2.81 -27.07
N ASN D 8 -27.70 3.75 -27.66
CA ASN D 8 -26.48 3.37 -28.40
C ASN D 8 -25.30 2.87 -27.53
N LEU D 9 -25.13 3.44 -26.34
CA LEU D 9 -24.17 2.90 -25.35
C LEU D 9 -24.54 1.48 -24.94
N ARG D 10 -25.77 1.30 -24.45
CA ARG D 10 -26.29 -0.02 -24.14
C ARG D 10 -26.11 -1.00 -25.31
N ASN D 11 -26.58 -0.61 -26.49
CA ASN D 11 -26.61 -1.57 -27.59
C ASN D 11 -25.25 -1.95 -28.11
N PHE D 12 -24.41 -0.95 -28.33
CA PHE D 12 -23.14 -1.21 -29.00
C PHE D 12 -22.13 -1.99 -28.15
N TYR D 13 -22.14 -1.71 -26.86
CA TYR D 13 -21.32 -2.42 -25.89
C TYR D 13 -21.82 -3.79 -25.45
N THR D 14 -23.13 -3.92 -25.28
CA THR D 14 -23.72 -5.06 -24.58
C THR D 14 -24.65 -5.94 -25.39
N LYS D 15 -25.30 -5.38 -26.41
CA LYS D 15 -26.21 -6.20 -27.25
C LYS D 15 -25.50 -6.77 -28.47
N HIS D 16 -24.79 -5.93 -29.24
CA HIS D 16 -24.07 -6.43 -30.42
C HIS D 16 -22.86 -7.27 -30.03
N ASP D 17 -22.63 -8.34 -30.79
CA ASP D 17 -21.46 -9.17 -30.64
C ASP D 17 -20.27 -8.27 -30.89
N TYR D 18 -19.21 -8.41 -30.07
CA TYR D 18 -17.95 -7.71 -30.32
C TYR D 18 -17.18 -8.42 -31.42
N ILE D 19 -16.12 -7.80 -31.92
CA ILE D 19 -15.29 -8.42 -32.95
C ILE D 19 -14.20 -9.10 -32.12
N ASP D 20 -13.87 -10.33 -32.48
CA ASP D 20 -12.83 -11.09 -31.83
C ASP D 20 -12.22 -12.01 -32.86
N LEU D 21 -11.20 -11.54 -33.55
CA LEU D 21 -10.60 -12.40 -34.61
C LEU D 21 -9.09 -12.55 -34.46
N LYS D 22 -8.59 -13.76 -34.65
CA LYS D 22 -7.15 -14.03 -34.51
C LYS D 22 -6.47 -14.32 -35.85
N GLY D 23 -5.31 -13.72 -36.07
CA GLY D 23 -4.47 -14.13 -37.21
C GLY D 23 -4.91 -13.55 -38.53
N LEU D 24 -5.40 -12.30 -38.47
CA LEU D 24 -5.75 -11.49 -39.65
C LEU D 24 -4.49 -10.75 -40.11
N ILE D 25 -4.28 -10.65 -41.41
CA ILE D 25 -3.09 -9.97 -41.90
C ILE D 25 -3.44 -8.61 -42.44
N ASP D 26 -2.99 -7.54 -41.79
CA ASP D 26 -3.18 -6.21 -42.34
C ASP D 26 -2.68 -6.09 -43.78
N LYS D 27 -3.36 -5.25 -44.55
CA LYS D 27 -3.14 -5.19 -46.01
C LYS D 27 -2.03 -4.22 -46.43
N ASN D 28 -1.48 -3.45 -45.48
CA ASN D 28 -0.31 -2.58 -45.73
C ASN D 28 -0.62 -1.43 -46.70
N LEU D 29 -1.76 -0.80 -46.51
CA LEU D 29 -2.24 0.27 -47.40
C LEU D 29 -1.65 1.58 -46.94
N PRO D 30 -1.61 2.62 -47.82
CA PRO D 30 -1.01 3.92 -47.51
C PRO D 30 -1.44 4.61 -46.23
N SER D 31 -2.68 4.41 -45.81
CA SER D 31 -3.18 5.18 -44.69
C SER D 31 -2.41 4.93 -43.40
N ALA D 32 -2.11 6.03 -42.70
CA ALA D 32 -1.40 6.06 -41.43
C ALA D 32 -2.38 6.17 -40.25
N ASN D 33 -3.67 6.13 -40.56
CA ASN D 33 -4.74 6.22 -39.57
C ASN D 33 -5.67 5.03 -39.65
N GLN D 34 -5.36 4.05 -40.50
CA GLN D 34 -6.20 2.88 -40.66
C GLN D 34 -5.41 1.60 -40.93
N LEU D 35 -5.87 0.49 -40.33
CA LEU D 35 -5.49 -0.87 -40.75
C LEU D 35 -6.69 -1.54 -41.41
N GLU D 36 -6.48 -2.51 -42.30
CA GLU D 36 -7.58 -3.10 -43.01
C GLU D 36 -7.22 -4.55 -43.19
N PHE D 37 -8.18 -5.46 -42.97
CA PHE D 37 -7.94 -6.91 -43.07
C PHE D 37 -9.07 -7.65 -43.79
N SER D 38 -8.77 -8.68 -44.55
CA SER D 38 -9.85 -9.50 -45.04
C SER D 38 -10.48 -10.22 -43.84
N THR D 39 -11.83 -10.35 -43.83
CA THR D 39 -12.52 -11.21 -42.85
C THR D 39 -13.34 -12.24 -43.56
N GLY D 40 -12.94 -12.57 -44.78
CA GLY D 40 -13.74 -13.40 -45.65
C GLY D 40 -14.12 -12.72 -46.96
N ILE D 41 -15.42 -12.49 -47.13
CA ILE D 41 -15.95 -11.77 -48.28
C ILE D 41 -15.91 -10.26 -48.09
N ASN D 42 -15.89 -9.79 -46.84
CA ASN D 42 -15.76 -8.37 -46.50
C ASN D 42 -14.45 -8.07 -45.79
N ASP D 43 -14.15 -6.78 -45.57
CA ASP D 43 -12.85 -6.40 -45.05
C ASP D 43 -13.24 -5.59 -43.84
N LEU D 44 -12.37 -5.53 -42.86
CA LEU D 44 -12.64 -4.61 -41.68
C LEU D 44 -11.57 -3.57 -41.61
N ILE D 45 -11.88 -2.34 -41.11
CA ILE D 45 -10.94 -1.28 -41.05
C ILE D 45 -10.94 -0.82 -39.59
N SER D 46 -9.74 -0.66 -39.02
CA SER D 46 -9.55 -0.23 -37.65
C SER D 46 -8.98 1.16 -37.73
N GLU D 47 -9.66 2.13 -37.17
CA GLU D 47 -9.17 3.46 -37.28
C GLU D 47 -8.44 3.82 -36.00
N SER D 48 -7.41 4.66 -36.16
CA SER D 48 -6.58 5.07 -35.03
C SER D 48 -5.97 6.42 -35.25
N ASN D 49 -5.40 6.95 -34.19
CA ASN D 49 -4.70 8.21 -34.22
C ASN D 49 -3.41 8.05 -33.44
N ASN D 50 -2.52 7.18 -33.94
CA ASN D 50 -1.26 6.84 -33.25
C ASN D 50 -0.25 6.14 -34.15
N TRP D 51 0.29 6.88 -35.11
CA TRP D 51 1.19 6.31 -36.11
C TRP D 51 2.40 5.58 -35.52
N ASP D 52 2.97 6.08 -34.42
CA ASP D 52 4.10 5.43 -33.74
C ASP D 52 3.79 3.99 -33.36
N GLU D 53 2.58 3.77 -32.83
CA GLU D 53 2.08 2.43 -32.49
C GLU D 53 1.79 1.61 -33.75
N ILE D 54 0.86 2.11 -34.55
CA ILE D 54 0.27 1.43 -35.71
C ILE D 54 1.22 1.05 -36.84
N SER D 55 2.26 1.84 -37.07
CA SER D 55 3.25 1.54 -38.13
C SER D 55 3.90 0.17 -37.95
N LYS D 56 3.94 -0.29 -36.70
CA LYS D 56 4.55 -1.58 -36.38
C LYS D 56 3.64 -2.78 -36.73
N PHE D 57 2.34 -2.49 -36.93
CA PHE D 57 1.32 -3.51 -37.19
C PHE D 57 1.03 -3.62 -38.68
N LYS D 58 1.59 -2.71 -39.48
CA LYS D 58 1.29 -2.65 -40.91
C LYS D 58 1.90 -3.81 -41.61
N GLY D 59 1.07 -4.57 -42.32
CA GLY D 59 1.56 -5.68 -43.15
C GLY D 59 1.66 -6.99 -42.40
N LYS D 60 1.27 -6.98 -41.13
CA LYS D 60 1.57 -8.09 -40.21
C LYS D 60 0.34 -8.89 -39.78
N LYS D 61 0.58 -10.04 -39.15
CA LYS D 61 -0.46 -10.92 -38.63
C LYS D 61 -0.87 -10.40 -37.26
N LEU D 62 -2.11 -9.90 -37.19
CA LEU D 62 -2.67 -9.24 -36.02
C LEU D 62 -3.88 -9.99 -35.53
N ASP D 63 -4.17 -9.82 -34.24
CA ASP D 63 -5.40 -10.30 -33.60
C ASP D 63 -6.21 -9.04 -33.36
N ILE D 64 -7.50 -9.07 -33.67
CA ILE D 64 -8.33 -7.82 -33.45
C ILE D 64 -9.42 -8.09 -32.45
N PHE D 65 -9.75 -7.13 -31.62
CA PHE D 65 -10.87 -7.33 -30.72
C PHE D 65 -11.40 -5.92 -30.45
N GLY D 66 -12.69 -5.70 -30.67
CA GLY D 66 -13.43 -4.52 -30.16
C GLY D 66 -14.80 -4.43 -30.81
N ILE D 67 -15.29 -3.20 -30.94
CA ILE D 67 -16.66 -2.89 -31.34
C ILE D 67 -16.68 -2.10 -32.64
N ASP D 68 -17.42 -2.62 -33.61
CA ASP D 68 -17.69 -1.99 -34.87
C ASP D 68 -18.59 -0.79 -34.63
N TYR D 69 -18.18 0.39 -35.05
CA TYR D 69 -18.93 1.59 -34.61
C TYR D 69 -20.03 1.96 -35.61
N ASN D 70 -20.07 1.21 -36.71
CA ASN D 70 -21.06 1.43 -37.76
C ASN D 70 -22.36 0.67 -37.53
N GLY D 71 -22.23 -0.53 -36.96
CA GLY D 71 -23.38 -1.33 -36.64
C GLY D 71 -23.85 -2.06 -37.89
N PRO D 72 -24.98 -2.77 -37.77
CA PRO D 72 -25.45 -3.69 -38.83
C PRO D 72 -25.73 -2.95 -40.14
N CYS D 73 -25.54 -3.66 -41.25
CA CYS D 73 -25.92 -3.21 -42.60
C CYS D 73 -24.95 -2.23 -43.30
N LYS D 74 -24.03 -1.67 -42.52
CA LYS D 74 -22.97 -0.81 -43.02
C LYS D 74 -21.65 -1.59 -43.14
N SER D 75 -20.64 -0.95 -43.72
CA SER D 75 -19.29 -1.51 -43.77
C SER D 75 -18.73 -1.55 -42.35
N LYS D 76 -17.84 -2.51 -42.10
CA LYS D 76 -17.22 -2.69 -40.81
C LYS D 76 -16.01 -1.80 -40.59
N TYR D 77 -16.17 -0.90 -39.63
CA TYR D 77 -15.11 -0.02 -39.17
C TYR D 77 -15.10 -0.14 -37.66
N MET D 78 -13.93 0.03 -37.04
CA MET D 78 -13.83 0.07 -35.60
C MET D 78 -12.74 1.06 -35.17
N TYR D 79 -12.48 1.15 -33.88
CA TYR D 79 -11.33 1.98 -33.44
C TYR D 79 -10.33 0.98 -32.84
N GLY D 80 -9.06 1.11 -33.24
CA GLY D 80 -7.96 0.43 -32.56
C GLY D 80 -8.22 -1.05 -32.46
N GLY D 81 -7.98 -1.63 -31.28
CA GLY D 81 -8.25 -3.07 -31.07
C GLY D 81 -7.24 -4.05 -31.64
N ALA D 82 -6.09 -3.59 -32.12
CA ALA D 82 -5.14 -4.56 -32.76
C ALA D 82 -3.93 -4.86 -31.88
N THR D 83 -3.42 -6.09 -31.98
CA THR D 83 -2.21 -6.54 -31.32
C THR D 83 -1.55 -7.51 -32.24
N LEU D 84 -0.23 -7.66 -32.11
CA LEU D 84 0.51 -8.57 -32.89
C LEU D 84 0.15 -10.00 -32.51
N SER D 85 -0.06 -10.83 -33.51
CA SER D 85 -0.48 -12.19 -33.30
C SER D 85 0.72 -12.99 -32.81
N GLY D 86 0.47 -14.17 -32.24
CA GLY D 86 1.55 -15.15 -31.96
C GLY D 86 2.20 -15.10 -30.58
N GLN D 87 1.73 -14.21 -29.71
CA GLN D 87 2.30 -14.11 -28.36
C GLN D 87 1.25 -14.40 -27.30
N TYR D 88 1.17 -15.66 -26.87
CA TYR D 88 0.11 -16.09 -25.95
C TYR D 88 0.58 -16.69 -24.65
N LEU D 89 -0.23 -16.49 -23.61
CA LEU D 89 -0.02 -17.13 -22.32
C LEU D 89 -0.44 -18.60 -22.40
N ASN D 90 0.06 -19.41 -21.45
CA ASN D 90 -0.26 -20.84 -21.37
C ASN D 90 -1.74 -21.14 -21.16
N SER D 91 -2.41 -20.27 -20.43
CA SER D 91 -3.86 -20.29 -20.29
C SER D 91 -4.32 -18.87 -20.11
N ALA D 92 -5.62 -18.62 -20.31
CA ALA D 92 -6.19 -17.30 -20.13
C ALA D 92 -5.93 -16.75 -18.72
N ARG D 93 -5.75 -15.44 -18.61
CA ARG D 93 -5.52 -14.79 -17.33
C ARG D 93 -6.80 -14.09 -16.91
N LYS D 94 -7.36 -14.46 -15.77
CA LYS D 94 -8.48 -13.73 -15.22
C LYS D 94 -7.94 -12.39 -14.75
N ILE D 95 -8.47 -11.29 -15.26
CA ILE D 95 -7.99 -9.98 -14.82
C ILE D 95 -8.46 -9.77 -13.37
N PRO D 96 -7.51 -9.51 -12.43
CA PRO D 96 -7.90 -9.22 -11.05
C PRO D 96 -8.57 -7.85 -10.96
N ILE D 97 -9.67 -7.77 -10.20
CA ILE D 97 -10.53 -6.59 -10.18
C ILE D 97 -10.96 -6.23 -8.77
N ASN D 98 -10.81 -4.96 -8.41
CA ASN D 98 -11.47 -4.41 -7.24
C ASN D 98 -12.67 -3.71 -7.84
N LEU D 99 -13.85 -3.92 -7.27
CA LEU D 99 -15.07 -3.24 -7.70
C LEU D 99 -15.74 -2.66 -6.48
N TRP D 100 -16.08 -1.38 -6.55
CA TRP D 100 -16.91 -0.71 -5.53
C TRP D 100 -18.30 -0.48 -6.12
N VAL D 101 -19.34 -1.03 -5.49
CA VAL D 101 -20.71 -0.80 -5.94
C VAL D 101 -21.43 0.09 -4.93
N ASN D 102 -21.76 1.30 -5.39
CA ASN D 102 -22.24 2.39 -4.51
C ASN D 102 -21.34 2.66 -3.31
N GLY D 103 -20.08 2.21 -3.39
CA GLY D 103 -19.11 2.38 -2.30
C GLY D 103 -18.77 1.14 -1.52
N LYS D 104 -19.44 0.03 -1.83
CA LYS D 104 -19.18 -1.25 -1.16
C LYS D 104 -18.26 -2.10 -2.03
N HIS D 105 -17.10 -2.44 -1.46
CA HIS D 105 -16.04 -3.15 -2.16
C HIS D 105 -16.25 -4.67 -2.28
N LYS D 106 -15.82 -5.25 -3.40
CA LYS D 106 -15.59 -6.70 -3.49
C LYS D 106 -14.54 -7.00 -4.55
N THR D 107 -13.90 -8.17 -4.46
CA THR D 107 -12.94 -8.68 -5.45
C THR D 107 -13.66 -9.56 -6.47
N ILE D 108 -13.35 -9.39 -7.77
CA ILE D 108 -13.90 -10.23 -8.85
C ILE D 108 -12.76 -10.97 -9.56
N SER D 109 -12.98 -12.26 -9.83
CA SER D 109 -12.07 -13.03 -10.68
C SER D 109 -12.93 -13.96 -11.51
N THR D 110 -12.97 -13.73 -12.81
CA THR D 110 -13.91 -14.44 -13.66
C THR D 110 -13.32 -14.71 -15.02
N ASP D 111 -13.63 -15.87 -15.61
CA ASP D 111 -13.29 -16.14 -17.00
C ASP D 111 -13.99 -15.17 -17.93
N LYS D 112 -15.05 -14.53 -17.45
CA LYS D 112 -15.79 -13.58 -18.29
C LYS D 112 -14.99 -12.29 -18.60
N ILE D 113 -13.97 -12.01 -17.77
CA ILE D 113 -13.03 -10.90 -18.01
C ILE D 113 -11.61 -11.47 -17.95
N SER D 114 -11.12 -11.95 -19.10
CA SER D 114 -9.88 -12.66 -19.11
C SER D 114 -9.26 -12.63 -20.51
N THR D 115 -7.97 -13.00 -20.60
CA THR D 115 -7.26 -13.02 -21.90
C THR D 115 -6.05 -13.96 -21.88
N ASN D 116 -5.80 -14.64 -22.99
CA ASN D 116 -4.56 -15.43 -23.14
C ASN D 116 -3.50 -14.71 -23.97
N LYS D 117 -3.71 -13.43 -24.22
CA LYS D 117 -2.79 -12.57 -24.97
C LYS D 117 -1.69 -12.04 -24.05
N LYS D 118 -0.42 -12.23 -24.42
CA LYS D 118 0.66 -11.58 -23.68
C LYS D 118 0.44 -10.05 -23.61
N LEU D 119 0.04 -9.47 -24.74
CA LEU D 119 -0.26 -8.04 -24.87
C LEU D 119 -1.70 -7.90 -25.31
N VAL D 120 -2.48 -7.10 -24.59
CA VAL D 120 -3.91 -7.02 -24.85
C VAL D 120 -4.32 -5.54 -24.91
N THR D 121 -5.40 -5.20 -25.64
CA THR D 121 -5.82 -3.80 -25.74
C THR D 121 -6.62 -3.39 -24.51
N ALA D 122 -6.51 -2.12 -24.07
CA ALA D 122 -7.40 -1.65 -23.04
C ALA D 122 -8.87 -1.84 -23.48
N GLN D 123 -9.20 -1.54 -24.74
CA GLN D 123 -10.54 -1.85 -25.30
C GLN D 123 -11.10 -3.26 -25.00
N GLU D 124 -10.38 -4.31 -25.41
CA GLU D 124 -10.82 -5.68 -25.14
C GLU D 124 -11.26 -5.91 -23.70
N ILE D 125 -10.38 -5.54 -22.76
CA ILE D 125 -10.63 -5.64 -21.33
C ILE D 125 -11.83 -4.79 -20.91
N ASP D 126 -11.90 -3.55 -21.39
CA ASP D 126 -12.98 -2.63 -21.03
C ASP D 126 -14.33 -3.09 -21.59
N VAL D 127 -14.34 -3.66 -22.81
CA VAL D 127 -15.57 -4.20 -23.39
C VAL D 127 -16.06 -5.31 -22.48
N LYS D 128 -15.22 -6.34 -22.27
CA LYS D 128 -15.53 -7.47 -21.37
C LYS D 128 -15.99 -7.06 -19.98
N LEU D 129 -15.30 -6.09 -19.40
CA LEU D 129 -15.72 -5.60 -18.10
C LEU D 129 -17.17 -5.15 -18.23
N ARG D 130 -17.43 -4.28 -19.21
CA ARG D 130 -18.74 -3.65 -19.37
C ARG D 130 -19.87 -4.64 -19.64
N ARG D 131 -19.60 -5.66 -20.45
CA ARG D 131 -20.59 -6.71 -20.68
C ARG D 131 -20.87 -7.50 -19.38
N TYR D 132 -19.84 -7.73 -18.58
CA TYR D 132 -20.01 -8.35 -17.26
C TYR D 132 -20.87 -7.51 -16.31
N LEU D 133 -20.51 -6.24 -16.15
CA LEU D 133 -21.23 -5.31 -15.27
C LEU D 133 -22.69 -5.12 -15.67
N GLN D 134 -22.96 -5.14 -16.97
CA GLN D 134 -24.33 -5.06 -17.47
C GLN D 134 -25.14 -6.31 -17.10
N GLU D 135 -24.60 -7.48 -17.41
CA GLU D 135 -25.17 -8.77 -17.00
C GLU D 135 -25.41 -8.93 -15.50
N GLU D 136 -24.50 -8.43 -14.66
CA GLU D 136 -24.58 -8.64 -13.21
C GLU D 136 -25.26 -7.52 -12.44
N TYR D 137 -25.11 -6.28 -12.92
CA TYR D 137 -25.59 -5.10 -12.18
C TYR D 137 -26.55 -4.26 -13.01
N ASN D 138 -26.84 -4.73 -14.24
CA ASN D 138 -27.81 -4.09 -15.15
C ASN D 138 -27.49 -2.62 -15.35
N ILE D 139 -26.21 -2.35 -15.56
CA ILE D 139 -25.63 -1.03 -15.49
C ILE D 139 -26.28 -0.04 -16.47
N TYR D 140 -26.47 -0.49 -17.72
CA TYR D 140 -26.98 0.31 -18.82
C TYR D 140 -28.48 0.14 -19.05
N GLY D 141 -29.16 -0.60 -18.19
CA GLY D 141 -30.58 -0.86 -18.31
C GLY D 141 -30.89 -2.02 -19.24
N HIS D 142 -32.08 -2.61 -19.04
CA HIS D 142 -32.67 -3.62 -19.94
C HIS D 142 -31.74 -4.76 -20.32
N ASN D 143 -30.98 -5.28 -19.35
CA ASN D 143 -30.07 -6.40 -19.60
C ASN D 143 -30.85 -7.67 -19.99
N SER D 144 -30.11 -8.71 -20.36
CA SER D 144 -30.73 -9.97 -20.80
C SER D 144 -30.81 -11.02 -19.68
N THR D 145 -30.41 -10.65 -18.47
CA THR D 145 -30.24 -11.62 -17.38
C THR D 145 -31.28 -11.47 -16.27
N GLY D 146 -31.82 -10.28 -16.11
CA GLY D 146 -32.78 -9.99 -15.04
C GLY D 146 -32.13 -9.70 -13.69
N LYS D 147 -30.80 -9.85 -13.63
CA LYS D 147 -30.02 -9.55 -12.43
C LYS D 147 -29.85 -8.05 -12.25
N GLY D 148 -29.71 -7.60 -11.00
CA GLY D 148 -29.56 -6.18 -10.71
C GLY D 148 -30.89 -5.56 -10.39
N LYS D 149 -31.88 -6.43 -10.14
CA LYS D 149 -33.23 -6.03 -9.77
C LYS D 149 -33.23 -4.97 -8.67
N GLU D 150 -32.32 -5.16 -7.72
CA GLU D 150 -32.34 -4.45 -6.44
C GLU D 150 -31.83 -3.01 -6.51
N TYR D 151 -31.22 -2.62 -7.63
CA TYR D 151 -30.64 -1.27 -7.73
C TYR D 151 -31.63 -0.21 -8.25
N GLY D 152 -32.77 -0.67 -8.77
CA GLY D 152 -33.83 0.21 -9.20
C GLY D 152 -33.67 0.61 -10.64
N TYR D 153 -34.35 1.70 -11.02
CA TYR D 153 -34.51 2.08 -12.42
C TYR D 153 -34.53 3.61 -12.61
N LYS D 154 -33.89 4.33 -11.70
CA LYS D 154 -33.98 5.79 -11.63
C LYS D 154 -33.10 6.56 -12.61
N SER D 155 -32.05 5.93 -13.15
CA SER D 155 -31.11 6.64 -14.02
C SER D 155 -31.68 6.80 -15.42
N LYS D 156 -31.01 7.63 -16.23
CA LYS D 156 -31.45 7.85 -17.60
C LYS D 156 -31.46 6.55 -18.36
N PHE D 157 -30.64 5.60 -17.90
CA PHE D 157 -30.49 4.27 -18.53
C PHE D 157 -31.61 3.30 -18.14
N TYR D 158 -32.48 3.72 -17.22
CA TYR D 158 -33.46 2.82 -16.62
C TYR D 158 -32.72 1.72 -15.83
N SER D 159 -31.81 2.18 -14.97
CA SER D 159 -30.97 1.29 -14.16
C SER D 159 -30.73 1.97 -12.82
N GLY D 160 -29.81 1.44 -12.02
CA GLY D 160 -29.54 2.03 -10.71
C GLY D 160 -28.27 2.87 -10.66
N PHE D 161 -27.68 3.08 -11.82
CA PHE D 161 -26.36 3.72 -11.92
C PHE D 161 -26.33 4.77 -13.02
N ASN D 162 -25.68 5.90 -12.75
CA ASN D 162 -25.43 6.91 -13.77
C ASN D 162 -24.01 7.51 -13.67
N LYS D 163 -23.20 7.00 -12.73
CA LYS D 163 -21.77 7.37 -12.57
C LYS D 163 -20.82 6.14 -12.51
N GLY D 164 -19.61 6.27 -13.05
CA GLY D 164 -18.62 5.20 -12.93
C GLY D 164 -17.40 5.28 -13.82
N LYS D 165 -16.29 4.69 -13.36
CA LYS D 165 -15.02 4.65 -14.10
C LYS D 165 -14.34 3.29 -13.96
N VAL D 166 -13.59 2.89 -15.00
CA VAL D 166 -12.68 1.77 -14.90
C VAL D 166 -11.24 2.34 -14.91
N LEU D 167 -10.50 2.19 -13.82
CA LEU D 167 -9.07 2.50 -13.81
C LEU D 167 -8.23 1.27 -14.18
N PHE D 168 -7.40 1.40 -15.20
CA PHE D 168 -6.40 0.38 -15.51
C PHE D 168 -5.19 0.67 -14.63
N HIS D 169 -5.01 -0.09 -13.55
CA HIS D 169 -3.95 0.16 -12.58
C HIS D 169 -2.71 -0.62 -12.98
N LEU D 170 -1.81 0.03 -13.71
CA LEU D 170 -0.70 -0.68 -14.34
C LEU D 170 0.44 -0.76 -13.36
N ASN D 171 1.17 -1.87 -13.41
CA ASN D 171 2.27 -2.11 -12.48
C ASN D 171 3.41 -1.11 -12.66
N ASP D 172 3.84 -0.94 -13.90
CA ASP D 172 5.02 -0.11 -14.15
C ASP D 172 4.90 0.83 -15.36
N GLU D 173 3.67 1.29 -15.62
CA GLU D 173 3.45 2.42 -16.52
C GLU D 173 2.45 3.34 -15.86
N LYS D 174 2.20 4.49 -16.47
CA LYS D 174 1.25 5.44 -15.88
C LYS D 174 -0.16 4.87 -16.03
N SER D 175 -0.94 4.98 -14.96
CA SER D 175 -2.29 4.44 -14.97
C SER D 175 -3.24 5.37 -15.72
N PHE D 176 -4.34 4.81 -16.22
CA PHE D 176 -5.33 5.59 -16.96
C PHE D 176 -6.74 5.05 -16.67
N SER D 177 -7.76 5.91 -16.78
CA SER D 177 -9.15 5.48 -16.60
C SER D 177 -10.11 5.92 -17.72
N TYR D 178 -11.07 5.05 -18.03
CA TYR D 178 -12.21 5.36 -18.90
C TYR D 178 -13.52 5.59 -18.10
N ASP D 179 -14.30 6.58 -18.53
CA ASP D 179 -15.64 6.86 -17.97
C ASP D 179 -16.59 5.77 -18.50
N LEU D 180 -17.34 5.14 -17.60
CA LEU D 180 -18.14 3.96 -17.98
C LEU D 180 -19.51 4.38 -18.55
N PHE D 181 -19.87 5.64 -18.37
CA PHE D 181 -21.18 6.18 -18.77
C PHE D 181 -21.03 7.40 -19.67
N TYR D 182 -20.00 7.42 -20.49
CA TYR D 182 -19.76 8.52 -21.42
C TYR D 182 -20.40 8.22 -22.77
N THR D 183 -21.13 9.21 -23.30
CA THR D 183 -21.90 9.03 -24.54
C THR D 183 -21.41 9.87 -25.74
N GLY D 184 -20.58 10.88 -25.50
CA GLY D 184 -20.02 11.70 -26.58
C GLY D 184 -21.08 12.61 -27.16
N ASP D 185 -21.13 12.72 -28.49
CA ASP D 185 -22.26 13.45 -29.10
C ASP D 185 -23.49 12.54 -29.33
N GLY D 186 -23.34 11.25 -28.99
CA GLY D 186 -24.47 10.31 -28.88
C GLY D 186 -24.33 9.04 -29.68
N VAL D 187 -23.42 9.07 -30.65
CA VAL D 187 -23.29 7.99 -31.62
C VAL D 187 -22.01 7.21 -31.33
N PRO D 188 -21.97 5.90 -31.65
CA PRO D 188 -20.81 5.08 -31.32
C PRO D 188 -19.50 5.61 -31.88
N VAL D 189 -19.54 6.22 -33.06
CA VAL D 189 -18.32 6.73 -33.70
C VAL D 189 -17.72 7.87 -32.87
N SER D 190 -18.49 8.35 -31.90
CA SER D 190 -18.07 9.44 -31.01
C SER D 190 -17.53 8.92 -29.67
N PHE D 191 -18.39 8.22 -28.90
CA PHE D 191 -17.96 7.66 -27.61
C PHE D 191 -16.98 6.48 -27.69
N LEU D 192 -16.88 5.83 -28.84
CA LEU D 192 -15.93 4.73 -28.93
C LEU D 192 -14.56 5.29 -29.34
N LYS D 193 -14.49 6.61 -29.53
CA LYS D 193 -13.27 7.20 -30.10
C LYS D 193 -12.14 7.16 -29.06
N ILE D 194 -12.50 6.91 -27.80
CA ILE D 194 -11.52 6.82 -26.70
C ILE D 194 -10.48 5.74 -26.94
N TYR D 195 -10.79 4.87 -27.89
CA TYR D 195 -10.07 3.66 -28.25
C TYR D 195 -9.13 3.78 -29.46
N GLU D 196 -9.20 4.91 -30.15
CA GLU D 196 -8.36 5.23 -31.30
C GLU D 196 -6.85 5.25 -31.02
N ASP D 197 -6.43 5.44 -29.77
CA ASP D 197 -4.99 5.35 -29.46
C ASP D 197 -4.41 3.93 -29.61
N ASN D 198 -5.29 2.93 -29.74
CA ASN D 198 -4.90 1.50 -29.78
C ASN D 198 -4.00 1.14 -28.57
N LYS D 199 -4.32 1.71 -27.42
CA LYS D 199 -3.63 1.39 -26.18
C LYS D 199 -3.55 -0.10 -25.92
N ILE D 200 -2.31 -0.61 -25.81
CA ILE D 200 -1.99 -1.99 -25.47
C ILE D 200 -1.36 -2.03 -24.06
N ILE D 201 -1.71 -3.03 -23.26
CA ILE D 201 -1.09 -3.25 -21.96
C ILE D 201 -0.59 -4.69 -21.88
N GLU D 202 0.45 -4.90 -21.07
CA GLU D 202 0.90 -6.25 -20.74
C GLU D 202 -0.15 -6.90 -19.85
N SER D 203 -0.78 -7.95 -20.36
CA SER D 203 -1.95 -8.53 -19.71
C SER D 203 -1.68 -9.06 -18.29
N GLU D 204 -0.44 -9.47 -18.02
CA GLU D 204 -0.07 -9.98 -16.70
C GLU D 204 0.28 -8.93 -15.66
N LYS D 205 0.41 -7.67 -16.08
CA LYS D 205 1.06 -6.67 -15.25
C LYS D 205 0.16 -5.51 -14.85
N PHE D 206 -1.10 -5.82 -14.59
CA PHE D 206 -2.07 -4.82 -14.13
C PHE D 206 -3.26 -5.47 -13.42
N HIS D 207 -4.09 -4.61 -12.85
CA HIS D 207 -5.40 -4.97 -12.33
C HIS D 207 -6.38 -3.79 -12.54
N LEU D 208 -7.66 -4.04 -12.32
CA LEU D 208 -8.68 -3.03 -12.52
C LEU D 208 -9.24 -2.59 -11.19
N ASP D 209 -9.39 -1.27 -11.04
CA ASP D 209 -10.12 -0.71 -9.91
C ASP D 209 -11.35 -0.03 -10.52
N VAL D 210 -12.52 -0.65 -10.32
CA VAL D 210 -13.76 -0.25 -10.96
C VAL D 210 -14.75 0.29 -9.93
N GLU D 211 -15.36 1.43 -10.24
CA GLU D 211 -16.43 2.01 -9.41
C GLU D 211 -17.68 2.25 -10.24
N ILE D 212 -18.85 1.91 -9.67
CA ILE D 212 -20.15 2.26 -10.25
C ILE D 212 -21.02 2.82 -9.12
N SER D 213 -21.79 3.86 -9.42
CA SER D 213 -22.64 4.50 -8.40
C SER D 213 -23.79 5.26 -9.04
N TYR D 214 -24.55 5.96 -8.20
CA TYR D 214 -25.68 6.76 -8.64
C TYR D 214 -25.61 8.15 -8.01
N VAL D 215 -25.66 9.19 -8.86
CA VAL D 215 -25.77 10.59 -8.39
C VAL D 215 -27.18 11.18 -8.66
N ASP D 216 -27.88 11.54 -7.58
CA ASP D 216 -29.29 11.96 -7.60
C ASP D 216 -29.56 13.26 -8.40
S SO4 E . -0.99 -1.30 33.19
O1 SO4 E . -0.10 -1.40 34.35
O2 SO4 E . -2.26 -1.91 33.56
O3 SO4 E . -1.21 0.08 32.79
O4 SO4 E . -0.40 -2.05 32.08
S SO4 F . 7.78 23.36 36.63
O1 SO4 F . 8.46 22.64 37.70
O2 SO4 F . 6.36 23.04 36.68
O3 SO4 F . 7.96 24.80 36.79
O4 SO4 F . 8.30 22.98 35.34
N1 EPE G . 24.09 20.78 20.49
C2 EPE G . 24.65 21.74 21.46
C3 EPE G . 24.60 23.15 20.88
N4 EPE G . 25.51 23.18 19.73
C5 EPE G . 25.67 22.02 18.86
C6 EPE G . 24.70 20.86 19.15
C7 EPE G . 26.34 24.35 19.44
C8 EPE G . 25.65 25.63 19.88
O8 EPE G . 24.62 25.95 18.95
C9 EPE G . 24.25 19.41 21.01
C10 EPE G . 23.39 19.17 22.24
S EPE G . 22.83 17.61 22.39
O1S EPE G . 21.70 17.38 21.47
O2S EPE G . 22.31 17.45 23.76
O3S EPE G . 23.90 16.59 22.10
C1 DIO H . -2.45 -8.91 33.83
C2 DIO H . -0.88 -9.42 35.59
C1' DIO H . -2.22 -10.31 33.33
C2' DIO H . -0.52 -10.75 34.93
O1 DIO H . -1.29 -8.51 34.57
O1' DIO H . -0.86 -10.64 33.56
C1 DIO I . 15.66 -6.23 15.60
C2 DIO I . 16.44 -6.21 17.84
C1' DIO I . 15.06 -4.84 15.73
C2' DIO I . 16.06 -4.74 17.82
O1 DIO I . 15.61 -6.86 16.89
O1' DIO I . 14.83 -4.62 17.11
S SO4 J . -11.20 8.32 -3.33
O1 SO4 J . -9.97 8.29 -2.53
O2 SO4 J . -12.18 7.41 -2.75
O3 SO4 J . -11.75 9.67 -3.26
O4 SO4 J . -10.92 7.94 -4.71
ZN ZN K . -5.46 -0.83 -8.03
S SO4 L . -0.07 5.96 -11.55
O1 SO4 L . -0.17 4.51 -11.60
O2 SO4 L . -1.12 6.53 -10.72
O3 SO4 L . 1.23 6.29 -10.99
O4 SO4 L . -0.19 6.49 -12.88
#